data_7CTM
#
_entry.id   7CTM
#
_cell.length_a   74.150
_cell.length_b   80.590
_cell.length_c   88.630
_cell.angle_alpha   90.000
_cell.angle_beta   102.870
_cell.angle_gamma   90.000
#
_symmetry.space_group_name_H-M   'C 1 2 1'
#
loop_
_entity.id
_entity.type
_entity.pdbx_description
1 polymer 'Alpha-glucosidase, putative'
2 non-polymer '1,4-DIHYDRONICOTINAMIDE ADENINE DINUCLEOTIDE'
3 non-polymer 'beta-D-glucopyranuronic acid'
4 non-polymer 'ISOPROPYL ALCOHOL'
5 water water
#
_entity_poly.entity_id   1
_entity_poly.type   'polypeptide(L)'
_entity_poly.pdbx_seq_one_letter_code
;MGSDKIHHHHHHMKISIIGAGSVRFALQLVGDIAQTEELSREDTHIYMMDVHERRLNASYILARKYVEELNSPVKIVKTS
SLDEAIDGADFIINTAYPYDPRYHDSGSQRWDEVTKVGEKHGYYRGIDSQELNMVSTYTYVLSSYPDMKLALEIAEKMKK
MAPKAYLMQTANPVFEITQAVRRWTGANIVGF(CSD)HGVAGVYEVFEKLDLDPEEVDWQVAGVNHGIWLNRFRYRGEDA
YPLLDEWIEKKLPEWEPKNPWDTQMSPAAMDMYKFYGMLPIGDTVRNGSWKYHYNLETKKKWFGKFGGIDNEVERPKFHE
QLRRARERLIKLAEEVQQNPGMKLTEEHPEIFPKGKLSGEQHIPFINAIANNKRVRLFLNVENQGTLKDFPDDVVMELPV
WVDCCGIHREKVEPDLTHRIKIFYLWPRILRMEWNLEAYISRDRKVLEEILIRDPRTKSYEQIVQVLDEIFNLPFNEELR
RYYKEKL
;
_entity_poly.pdbx_strand_id   A
#
loop_
_chem_comp.id
_chem_comp.type
_chem_comp.name
_chem_comp.formula
BDP D-saccharide, beta linking 'beta-D-glucopyranuronic acid' 'C6 H10 O7'
IPA non-polymer 'ISOPROPYL ALCOHOL' 'C3 H8 O'
NAI non-polymer '1,4-DIHYDRONICOTINAMIDE ADENINE DINUCLEOTIDE' 'C21 H29 N7 O14 P2'
#
# COMPACT_ATOMS: atom_id res chain seq x y z
N HIS A 12 25.52 -10.34 -12.04
CA HIS A 12 24.88 -10.81 -10.77
C HIS A 12 23.83 -9.80 -10.29
N MET A 13 22.59 -10.26 -10.11
CA MET A 13 21.45 -9.41 -9.81
C MET A 13 20.76 -9.98 -8.57
N LYS A 14 20.76 -9.21 -7.47
CA LYS A 14 20.21 -9.65 -6.20
C LYS A 14 18.94 -8.87 -5.90
N ILE A 15 17.81 -9.58 -5.86
CA ILE A 15 16.51 -9.02 -5.53
C ILE A 15 16.08 -9.65 -4.22
N SER A 16 15.96 -8.84 -3.17
CA SER A 16 15.68 -9.33 -1.83
C SER A 16 14.28 -8.91 -1.40
N ILE A 17 13.49 -9.89 -0.98
CA ILE A 17 12.13 -9.66 -0.50
C ILE A 17 12.16 -9.75 1.02
N ILE A 18 11.98 -8.61 1.67
CA ILE A 18 11.95 -8.54 3.12
C ILE A 18 10.49 -8.70 3.54
N GLY A 19 10.21 -9.76 4.28
CA GLY A 19 8.85 -10.17 4.56
C GLY A 19 8.32 -11.13 3.51
N ALA A 20 9.15 -12.09 3.11
CA ALA A 20 8.78 -12.99 2.01
C ALA A 20 7.74 -14.04 2.42
N GLY A 21 7.31 -14.06 3.68
CA GLY A 21 6.11 -14.78 4.04
C GLY A 21 4.84 -14.06 3.70
N SER A 22 4.94 -12.88 3.09
CA SER A 22 3.77 -12.06 2.80
C SER A 22 2.80 -12.79 1.89
N VAL A 23 1.55 -12.92 2.34
CA VAL A 23 0.55 -13.63 1.58
C VAL A 23 0.06 -12.85 0.37
N ARG A 24 0.25 -11.53 0.36
CA ARG A 24 -0.27 -10.70 -0.72
C ARG A 24 0.79 -10.26 -1.73
N PHE A 25 2.07 -10.62 -1.55
CA PHE A 25 3.10 -10.22 -2.50
C PHE A 25 4.09 -11.31 -2.91
N ALA A 26 4.48 -12.19 -1.98
CA ALA A 26 5.67 -13.02 -2.20
C ALA A 26 5.62 -13.79 -3.51
N LEU A 27 4.59 -14.61 -3.69
CA LEU A 27 4.52 -15.44 -4.89
C LEU A 27 4.22 -14.61 -6.14
N GLN A 28 3.49 -13.50 -5.99
CA GLN A 28 3.30 -12.61 -7.12
C GLN A 28 4.63 -12.09 -7.64
N LEU A 29 5.51 -11.67 -6.73
CA LEU A 29 6.80 -11.14 -7.15
C LEU A 29 7.64 -12.22 -7.81
N VAL A 30 7.67 -13.43 -7.24
CA VAL A 30 8.50 -14.50 -7.82
C VAL A 30 7.97 -14.86 -9.20
N GLY A 31 6.65 -15.03 -9.33
CA GLY A 31 6.09 -15.36 -10.63
C GLY A 31 6.40 -14.32 -11.68
N ASP A 32 6.29 -13.04 -11.33
CA ASP A 32 6.59 -11.97 -12.28
C ASP A 32 8.05 -12.02 -12.72
N ILE A 33 8.97 -12.14 -11.76
CA ILE A 33 10.39 -12.23 -12.10
C ILE A 33 10.64 -13.42 -13.02
N ALA A 34 10.07 -14.57 -12.68
CA ALA A 34 10.33 -15.79 -13.44
C ALA A 34 9.71 -15.76 -14.82
N GLN A 35 8.74 -14.87 -15.05
CA GLN A 35 8.08 -14.75 -16.35
C GLN A 35 8.51 -13.50 -17.10
N THR A 36 9.54 -12.79 -16.62
CA THR A 36 10.08 -11.60 -17.30
C THR A 36 11.38 -12.02 -17.98
N GLU A 37 11.39 -11.98 -19.32
CA GLU A 37 12.46 -12.60 -20.08
C GLU A 37 13.84 -12.11 -19.64
N GLU A 38 14.00 -10.80 -19.46
CA GLU A 38 15.32 -10.26 -19.18
C GLU A 38 15.78 -10.53 -17.76
N LEU A 39 14.88 -10.91 -16.86
CA LEU A 39 15.24 -11.20 -15.49
C LEU A 39 15.30 -12.69 -15.18
N SER A 40 14.61 -13.53 -15.95
CA SER A 40 14.58 -14.96 -15.71
C SER A 40 15.89 -15.55 -16.22
N ARG A 41 16.93 -15.40 -15.41
CA ARG A 41 18.28 -15.81 -15.79
C ARG A 41 18.95 -16.46 -14.59
N GLU A 42 19.99 -17.24 -14.88
CA GLU A 42 20.79 -17.85 -13.82
C GLU A 42 21.45 -16.79 -12.94
N ASP A 43 21.72 -15.61 -13.51
CA ASP A 43 22.37 -14.51 -12.79
C ASP A 43 21.40 -13.72 -11.91
N THR A 44 20.14 -14.13 -11.81
CA THR A 44 19.16 -13.43 -10.98
C THR A 44 18.94 -14.26 -9.71
N HIS A 45 19.32 -13.69 -8.57
CA HIS A 45 19.16 -14.34 -7.28
C HIS A 45 18.07 -13.62 -6.49
N ILE A 46 17.03 -14.36 -6.12
CA ILE A 46 15.94 -13.85 -5.29
C ILE A 46 16.16 -14.33 -3.87
N TYR A 47 16.40 -13.39 -2.96
CA TYR A 47 16.55 -13.67 -1.54
C TYR A 47 15.21 -13.46 -0.86
N MET A 48 14.73 -14.50 -0.19
CA MET A 48 13.48 -14.47 0.56
C MET A 48 13.82 -14.45 2.03
N MET A 49 13.45 -13.37 2.71
CA MET A 49 13.82 -13.17 4.10
C MET A 49 12.58 -12.87 4.93
N ASP A 50 12.53 -13.48 6.12
CA ASP A 50 11.37 -13.31 6.99
C ASP A 50 11.77 -13.78 8.38
N VAL A 51 11.04 -13.29 9.39
CA VAL A 51 11.28 -13.68 10.77
C VAL A 51 10.39 -14.84 11.19
N HIS A 52 9.35 -15.15 10.43
CA HIS A 52 8.43 -16.24 10.75
C HIS A 52 8.94 -17.49 10.02
N GLU A 53 9.48 -18.43 10.79
CA GLU A 53 10.18 -19.56 10.20
C GLU A 53 9.27 -20.43 9.35
N ARG A 54 8.07 -20.74 9.88
CA ARG A 54 7.17 -21.62 9.13
C ARG A 54 6.67 -20.96 7.84
N ARG A 55 6.33 -19.68 7.90
CA ARG A 55 5.91 -18.98 6.68
C ARG A 55 7.08 -18.87 5.70
N LEU A 56 8.28 -18.55 6.19
CA LEU A 56 9.42 -18.46 5.30
C LEU A 56 9.69 -19.80 4.63
N ASN A 57 9.74 -20.87 5.42
CA ASN A 57 9.98 -22.18 4.82
C ASN A 57 8.90 -22.52 3.80
N ALA A 58 7.65 -22.22 4.11
CA ALA A 58 6.57 -22.49 3.18
C ALA A 58 6.74 -21.68 1.90
N SER A 59 6.92 -20.36 2.04
CA SER A 59 7.07 -19.52 0.85
C SER A 59 8.23 -19.99 -0.02
N TYR A 60 9.32 -20.42 0.62
CA TYR A 60 10.50 -20.88 -0.13
C TYR A 60 10.22 -22.16 -0.90
N ILE A 61 9.57 -23.13 -0.26
CA ILE A 61 9.24 -24.39 -0.94
C ILE A 61 8.35 -24.12 -2.15
N LEU A 62 7.30 -23.33 -1.94
CA LEU A 62 6.37 -23.02 -3.02
C LEU A 62 7.06 -22.23 -4.13
N ALA A 63 7.84 -21.23 -3.76
CA ALA A 63 8.56 -20.44 -4.76
C ALA A 63 9.48 -21.32 -5.60
N ARG A 64 10.22 -22.21 -4.96
CA ARG A 64 11.12 -23.11 -5.70
C ARG A 64 10.33 -23.99 -6.66
N LYS A 65 9.30 -24.68 -6.16
CA LYS A 65 8.48 -25.54 -7.02
C LYS A 65 7.87 -24.74 -8.16
N TYR A 66 7.34 -23.55 -7.84
CA TYR A 66 6.69 -22.70 -8.83
C TYR A 66 7.66 -22.33 -9.95
N VAL A 67 8.84 -21.85 -9.59
CA VAL A 67 9.84 -21.46 -10.59
C VAL A 67 10.20 -22.64 -11.47
N GLU A 68 10.25 -23.85 -10.89
CA GLU A 68 10.53 -25.04 -11.68
C GLU A 68 9.46 -25.27 -12.75
N GLU A 69 8.19 -25.17 -12.35
CA GLU A 69 7.10 -25.39 -13.30
C GLU A 69 7.08 -24.32 -14.38
N LEU A 70 7.51 -23.10 -14.05
CA LEU A 70 7.67 -22.05 -15.04
C LEU A 70 8.93 -22.21 -15.88
N ASN A 71 9.74 -23.23 -15.61
CA ASN A 71 10.98 -23.47 -16.33
C ASN A 71 11.89 -22.24 -16.31
N SER A 72 11.97 -21.59 -15.15
CA SER A 72 12.85 -20.43 -15.03
C SER A 72 14.13 -20.80 -14.29
N PRO A 73 15.29 -20.29 -14.70
CA PRO A 73 16.55 -20.64 -14.04
C PRO A 73 16.95 -19.74 -12.88
N VAL A 74 16.07 -18.83 -12.42
CA VAL A 74 16.42 -17.95 -11.32
C VAL A 74 16.78 -18.77 -10.10
N LYS A 75 17.74 -18.28 -9.33
CA LYS A 75 18.11 -18.90 -8.06
C LYS A 75 17.33 -18.26 -6.94
N ILE A 76 16.81 -19.09 -6.04
CA ILE A 76 16.06 -18.62 -4.88
C ILE A 76 16.82 -19.01 -3.62
N VAL A 77 17.03 -18.04 -2.73
CA VAL A 77 17.72 -18.23 -1.47
C VAL A 77 16.79 -17.79 -0.35
N LYS A 78 16.73 -18.58 0.72
CA LYS A 78 15.99 -18.18 1.90
C LYS A 78 16.96 -17.88 3.04
N THR A 79 16.64 -16.87 3.82
CA THR A 79 17.47 -16.49 4.95
C THR A 79 16.61 -15.84 6.03
N SER A 80 16.93 -16.14 7.27
CA SER A 80 16.32 -15.45 8.40
C SER A 80 17.13 -14.23 8.82
N SER A 81 18.17 -13.87 8.08
CA SER A 81 19.04 -12.76 8.42
C SER A 81 18.75 -11.56 7.53
N LEU A 82 18.28 -10.47 8.15
CA LEU A 82 18.06 -9.24 7.40
C LEU A 82 19.35 -8.75 6.77
N ASP A 83 20.45 -8.76 7.53
CA ASP A 83 21.73 -8.32 7.00
C ASP A 83 22.12 -9.11 5.76
N GLU A 84 21.97 -10.44 5.81
CA GLU A 84 22.31 -11.26 4.66
C GLU A 84 21.47 -10.89 3.44
N ALA A 85 20.19 -10.58 3.66
CA ALA A 85 19.32 -10.21 2.54
C ALA A 85 19.71 -8.86 1.96
N ILE A 86 20.14 -7.92 2.80
CA ILE A 86 20.46 -6.57 2.34
C ILE A 86 21.83 -6.53 1.68
N ASP A 87 22.78 -7.31 2.20
CA ASP A 87 24.17 -7.28 1.78
C ASP A 87 24.32 -7.35 0.26
N GLY A 88 24.74 -6.24 -0.34
CA GLY A 88 24.99 -6.23 -1.78
C GLY A 88 23.76 -6.36 -2.64
N ALA A 89 22.57 -6.13 -2.11
CA ALA A 89 21.36 -6.23 -2.90
C ALA A 89 21.30 -5.13 -3.95
N ASP A 90 20.69 -5.44 -5.08
CA ASP A 90 20.39 -4.45 -6.10
C ASP A 90 19.02 -3.80 -5.87
N PHE A 91 18.06 -4.60 -5.40
CA PHE A 91 16.72 -4.13 -5.09
C PHE A 91 16.27 -4.81 -3.80
N ILE A 92 15.69 -4.03 -2.90
CA ILE A 92 15.18 -4.51 -1.62
C ILE A 92 13.71 -4.15 -1.56
N ILE A 93 12.84 -5.16 -1.59
CA ILE A 93 11.39 -4.96 -1.58
C ILE A 93 10.91 -5.19 -0.16
N ASN A 94 10.41 -4.14 0.48
CA ASN A 94 9.96 -4.22 1.87
C ASN A 94 8.45 -4.43 1.89
N THR A 95 8.05 -5.69 2.07
CA THR A 95 6.66 -6.10 2.29
C THR A 95 6.43 -6.60 3.71
N ALA A 96 7.31 -6.25 4.65
CA ALA A 96 7.22 -6.79 6.00
C ALA A 96 6.13 -6.07 6.80
N TYR A 97 5.56 -6.80 7.76
CA TYR A 97 4.50 -6.27 8.62
C TYR A 97 4.82 -6.73 10.02
N PRO A 98 5.55 -5.93 10.80
CA PRO A 98 6.05 -6.39 12.10
C PRO A 98 4.95 -6.81 13.05
N TYR A 99 5.32 -7.72 13.97
CA TYR A 99 4.43 -8.17 15.03
C TYR A 99 5.29 -8.66 16.19
N ASP A 100 4.69 -8.67 17.38
CA ASP A 100 5.36 -9.17 18.57
C ASP A 100 5.10 -10.68 18.67
N PRO A 101 6.08 -11.54 18.40
CA PRO A 101 5.79 -12.98 18.32
C PRO A 101 5.46 -13.61 19.66
N ARG A 102 5.63 -12.88 20.77
CA ARG A 102 5.20 -13.39 22.06
C ARG A 102 3.67 -13.44 22.17
N TYR A 103 2.96 -12.65 21.37
CA TYR A 103 1.52 -12.54 21.49
C TYR A 103 0.78 -12.80 20.18
N HIS A 104 1.41 -12.51 19.04
CA HIS A 104 0.74 -12.54 17.75
C HIS A 104 1.49 -13.43 16.77
N ASP A 105 0.78 -13.78 15.69
CA ASP A 105 1.37 -14.51 14.57
C ASP A 105 1.56 -13.66 13.33
N SER A 106 0.87 -12.53 13.23
CA SER A 106 1.04 -11.63 12.10
C SER A 106 0.67 -10.21 12.52
N GLY A 107 1.05 -9.25 11.66
CA GLY A 107 0.95 -7.85 12.01
C GLY A 107 -0.46 -7.30 12.02
N SER A 108 -1.39 -7.93 11.30
CA SER A 108 -2.78 -7.46 11.30
C SER A 108 -3.41 -7.54 12.68
N GLN A 109 -2.90 -8.42 13.55
CA GLN A 109 -3.51 -8.61 14.85
C GLN A 109 -3.33 -7.41 15.77
N ARG A 110 -2.17 -6.75 15.73
CA ARG A 110 -1.99 -5.59 16.59
C ARG A 110 -2.94 -4.46 16.17
N TRP A 111 -3.14 -4.29 14.86
CA TRP A 111 -4.06 -3.25 14.42
C TRP A 111 -5.50 -3.58 14.80
N ASP A 112 -5.91 -4.84 14.59
CA ASP A 112 -7.23 -5.28 15.04
C ASP A 112 -7.45 -4.92 16.51
N GLU A 113 -6.54 -5.35 17.37
CA GLU A 113 -6.75 -5.17 18.81
C GLU A 113 -6.72 -3.71 19.23
N VAL A 114 -5.80 -2.91 18.68
CA VAL A 114 -5.80 -1.50 19.03
CA VAL A 114 -5.79 -1.49 19.01
C VAL A 114 -7.07 -0.82 18.50
N THR A 115 -7.57 -1.27 17.36
CA THR A 115 -8.81 -0.70 16.83
C THR A 115 -9.97 -0.93 17.78
N LYS A 116 -10.10 -2.14 18.33
CA LYS A 116 -11.17 -2.42 19.27
C LYS A 116 -11.03 -1.57 20.53
N VAL A 117 -9.79 -1.35 20.98
CA VAL A 117 -9.59 -0.45 22.12
C VAL A 117 -10.04 0.97 21.77
N GLY A 118 -9.68 1.45 20.58
CA GLY A 118 -10.16 2.75 20.16
C GLY A 118 -11.67 2.84 20.18
N GLU A 119 -12.34 1.83 19.63
CA GLU A 119 -13.80 1.86 19.59
C GLU A 119 -14.39 1.82 20.99
N LYS A 120 -13.76 1.06 21.90
CA LYS A 120 -14.17 1.02 23.30
C LYS A 120 -14.23 2.40 23.91
N HIS A 121 -13.33 3.30 23.50
CA HIS A 121 -13.25 4.65 24.05
C HIS A 121 -13.97 5.67 23.18
N GLY A 122 -14.71 5.22 22.17
CA GLY A 122 -15.54 6.11 21.39
C GLY A 122 -14.96 6.57 20.06
N TYR A 123 -13.94 5.88 19.55
CA TYR A 123 -13.34 6.22 18.25
C TYR A 123 -13.74 5.12 17.26
N TYR A 124 -14.79 5.40 16.48
CA TYR A 124 -15.29 4.42 15.52
C TYR A 124 -14.23 4.07 14.49
N ARG A 125 -13.93 2.78 14.37
CA ARG A 125 -12.89 2.25 13.50
C ARG A 125 -11.49 2.61 13.97
N GLY A 126 -11.34 2.99 15.23
CA GLY A 126 -10.05 3.15 15.86
C GLY A 126 -9.45 4.53 15.63
N ILE A 127 -8.48 4.87 16.48
CA ILE A 127 -7.87 6.19 16.36
C ILE A 127 -7.08 6.34 15.07
N ASP A 128 -6.64 5.23 14.45
CA ASP A 128 -5.89 5.33 13.21
C ASP A 128 -6.78 5.71 12.02
N SER A 129 -8.08 5.51 12.13
CA SER A 129 -8.99 5.97 11.09
C SER A 129 -9.26 7.46 11.31
N GLN A 130 -8.86 8.27 10.35
CA GLN A 130 -9.03 9.71 10.41
C GLN A 130 -9.55 10.22 9.08
N GLU A 131 -10.01 11.46 9.07
CA GLU A 131 -10.44 12.07 7.82
C GLU A 131 -9.32 11.98 6.80
N LEU A 132 -9.69 11.60 5.57
CA LEU A 132 -8.77 11.39 4.46
C LEU A 132 -7.77 10.27 4.73
N ASN A 133 -8.05 9.42 5.71
CA ASN A 133 -7.15 8.33 6.08
C ASN A 133 -7.98 7.23 6.73
N MET A 134 -8.92 6.68 5.98
CA MET A 134 -9.78 5.60 6.48
C MET A 134 -9.26 4.21 6.14
N VAL A 135 -8.33 4.08 5.20
CA VAL A 135 -7.82 2.79 4.76
C VAL A 135 -7.37 1.99 5.97
N SER A 136 -7.99 0.81 6.19
CA SER A 136 -7.65 -0.01 7.35
C SER A 136 -6.19 -0.41 7.33
N THR A 137 -5.57 -0.38 8.51
CA THR A 137 -4.20 -0.78 8.80
C THR A 137 -3.15 0.19 8.28
N TYR A 138 -3.54 1.31 7.67
CA TYR A 138 -2.54 2.17 7.03
C TYR A 138 -1.53 2.70 8.05
N THR A 139 -2.01 3.29 9.14
CA THR A 139 -1.13 3.68 10.24
C THR A 139 -1.45 2.83 11.47
N TYR A 140 -0.53 2.82 12.42
CA TYR A 140 -0.67 2.04 13.65
C TYR A 140 -0.35 2.95 14.83
N VAL A 141 -1.37 3.26 15.64
CA VAL A 141 -1.24 4.21 16.73
C VAL A 141 -0.62 5.50 16.19
N LEU A 142 -1.10 5.94 15.02
CA LEU A 142 -0.80 7.26 14.44
C LEU A 142 0.61 7.33 13.87
N SER A 143 1.62 7.04 14.68
CA SER A 143 3.01 7.22 14.23
C SER A 143 3.61 5.96 13.64
N SER A 144 2.89 4.84 13.66
CA SER A 144 3.29 3.58 13.01
C SER A 144 4.70 3.15 13.44
N TYR A 145 4.92 3.12 14.76
CA TYR A 145 6.26 2.92 15.29
C TYR A 145 6.94 1.65 14.78
N PRO A 146 6.34 0.46 14.87
CA PRO A 146 7.09 -0.75 14.45
C PRO A 146 7.44 -0.73 12.97
N ASP A 147 6.53 -0.19 12.15
CA ASP A 147 6.69 -0.17 10.70
C ASP A 147 7.71 0.87 10.26
N MET A 148 7.67 2.07 10.84
CA MET A 148 8.71 3.05 10.52
C MET A 148 10.07 2.60 11.06
N LYS A 149 10.10 2.01 12.25
CA LYS A 149 11.35 1.55 12.82
C LYS A 149 12.05 0.57 11.89
N LEU A 150 11.31 -0.41 11.37
CA LEU A 150 11.91 -1.40 10.48
C LEU A 150 12.42 -0.75 9.21
N ALA A 151 11.59 0.08 8.56
CA ALA A 151 12.02 0.72 7.32
C ALA A 151 13.28 1.55 7.53
N LEU A 152 13.36 2.30 8.63
CA LEU A 152 14.55 3.10 8.87
C LEU A 152 15.76 2.22 9.12
N GLU A 153 15.58 1.10 9.83
CA GLU A 153 16.68 0.16 10.04
C GLU A 153 17.18 -0.39 8.71
N ILE A 154 16.26 -0.79 7.84
CA ILE A 154 16.66 -1.27 6.52
C ILE A 154 17.44 -0.18 5.80
N ALA A 155 16.95 1.07 5.87
CA ALA A 155 17.58 2.17 5.15
C ALA A 155 19.01 2.38 5.62
N GLU A 156 19.24 2.34 6.93
CA GLU A 156 20.58 2.60 7.44
C GLU A 156 21.54 1.46 7.11
N LYS A 157 21.09 0.21 7.26
CA LYS A 157 21.91 -0.92 6.83
C LYS A 157 22.22 -0.82 5.33
N MET A 158 21.25 -0.38 4.55
CA MET A 158 21.43 -0.26 3.12
C MET A 158 22.58 0.68 2.77
N LYS A 159 22.60 1.86 3.38
CA LYS A 159 23.61 2.84 3.01
C LYS A 159 25.01 2.33 3.27
N LYS A 160 25.17 1.36 4.17
CA LYS A 160 26.47 0.74 4.39
C LYS A 160 26.69 -0.47 3.49
N MET A 161 25.73 -1.39 3.45
CA MET A 161 25.91 -2.70 2.84
C MET A 161 25.40 -2.80 1.41
N ALA A 162 24.57 -1.86 0.96
CA ALA A 162 24.05 -1.87 -0.41
C ALA A 162 23.79 -0.44 -0.86
N PRO A 163 24.86 0.31 -1.16
CA PRO A 163 24.68 1.73 -1.50
C PRO A 163 23.87 1.95 -2.77
N LYS A 164 24.06 1.12 -3.80
CA LYS A 164 23.39 1.32 -5.07
C LYS A 164 21.95 0.81 -5.09
N ALA A 165 21.48 0.19 -4.01
CA ALA A 165 20.19 -0.47 -4.04
C ALA A 165 19.03 0.53 -4.00
N TYR A 166 17.91 0.13 -4.61
CA TYR A 166 16.64 0.77 -4.39
C TYR A 166 15.89 0.05 -3.26
N LEU A 167 15.38 0.83 -2.30
CA LEU A 167 14.44 0.32 -1.31
C LEU A 167 13.03 0.54 -1.84
N MET A 168 12.38 -0.55 -2.23
CA MET A 168 11.04 -0.52 -2.82
C MET A 168 10.04 -0.76 -1.71
N GLN A 169 9.52 0.34 -1.16
CA GLN A 169 8.70 0.29 0.04
C GLN A 169 7.26 -0.01 -0.33
N THR A 170 6.76 -1.14 0.14
CA THR A 170 5.38 -1.56 -0.06
CA THR A 170 5.37 -1.53 -0.06
C THR A 170 4.56 -1.60 1.22
N ALA A 171 5.20 -1.86 2.36
CA ALA A 171 4.51 -1.91 3.63
C ALA A 171 4.02 -0.53 4.05
N ASN A 172 2.90 -0.51 4.75
CA ASN A 172 2.23 0.73 5.11
C ASN A 172 2.73 1.24 6.47
N PRO A 173 2.64 2.56 6.70
CA PRO A 173 2.14 3.59 5.77
C PRO A 173 3.16 4.00 4.71
N VAL A 174 2.81 3.80 3.45
CA VAL A 174 3.75 4.06 2.36
C VAL A 174 4.12 5.54 2.31
N PHE A 175 3.15 6.44 2.44
CA PHE A 175 3.44 7.87 2.39
C PHE A 175 4.39 8.27 3.51
N GLU A 176 3.95 8.04 4.75
CA GLU A 176 4.74 8.44 5.92
C GLU A 176 6.12 7.82 5.89
N ILE A 177 6.21 6.51 5.63
CA ILE A 177 7.50 5.84 5.68
C ILE A 177 8.42 6.35 4.57
N THR A 178 7.92 6.44 3.34
CA THR A 178 8.78 6.90 2.26
C THR A 178 9.28 8.31 2.55
N GLN A 179 8.42 9.17 3.08
CA GLN A 179 8.83 10.52 3.45
C GLN A 179 9.92 10.49 4.50
N ALA A 180 9.72 9.70 5.57
CA ALA A 180 10.65 9.71 6.68
C ALA A 180 12.01 9.16 6.28
N VAL A 181 12.04 8.07 5.52
CA VAL A 181 13.30 7.50 5.08
C VAL A 181 14.04 8.47 4.16
N ARG A 182 13.32 9.09 3.22
CA ARG A 182 13.94 10.08 2.34
C ARG A 182 14.51 11.22 3.14
N ARG A 183 13.71 11.77 4.05
CA ARG A 183 14.08 13.00 4.73
C ARG A 183 15.18 12.76 5.77
N TRP A 184 15.07 11.67 6.53
CA TRP A 184 15.96 11.47 7.67
C TRP A 184 17.19 10.65 7.35
N THR A 185 17.21 9.89 6.27
CA THR A 185 18.35 9.06 5.91
C THR A 185 18.88 9.32 4.52
N GLY A 186 18.08 9.90 3.62
CA GLY A 186 18.49 10.07 2.24
C GLY A 186 18.76 8.77 1.53
N ALA A 187 18.33 7.64 2.08
CA ALA A 187 18.43 6.38 1.37
C ALA A 187 17.56 6.42 0.12
N ASN A 188 17.84 5.53 -0.82
CA ASN A 188 17.22 5.55 -2.14
C ASN A 188 15.91 4.76 -2.11
N ILE A 189 14.93 5.33 -1.43
CA ILE A 189 13.63 4.68 -1.22
C ILE A 189 12.63 5.23 -2.22
N VAL A 190 11.80 4.33 -2.75
CA VAL A 190 10.68 4.65 -3.64
C VAL A 190 9.47 3.89 -3.12
N GLY A 191 8.35 4.58 -2.97
CA GLY A 191 7.13 3.96 -2.47
C GLY A 191 6.28 3.41 -3.60
N PHE A 192 5.70 2.24 -3.36
CA PHE A 192 4.96 1.51 -4.40
C PHE A 192 3.51 1.24 -3.99
N CSD A 193 2.58 1.63 -4.85
CA CSD A 193 1.17 1.31 -4.72
CB CSD A 193 0.50 2.20 -3.68
SG CSD A 193 -1.11 1.61 -3.29
C CSD A 193 0.43 1.43 -6.04
O CSD A 193 0.60 2.38 -6.80
OD1 CSD A 193 -2.02 2.57 -3.91
OD2 CSD A 193 -1.17 2.21 -1.71
HA CSD A 193 1.06 0.24 -4.36
HB2 CSD A 193 0.45 3.25 -4.09
HB3 CSD A 193 1.13 2.25 -2.77
HD2 CSD A 193 -0.42 1.93 -1.18
N HIS A 194 -0.43 0.44 -6.32
CA HIS A 194 -1.10 0.36 -7.62
C HIS A 194 -2.56 0.81 -7.61
N GLY A 195 -2.92 1.74 -6.71
CA GLY A 195 -4.28 2.25 -6.65
C GLY A 195 -4.72 2.96 -7.91
N VAL A 196 -3.77 3.47 -8.72
CA VAL A 196 -4.11 4.11 -9.97
C VAL A 196 -4.90 3.19 -10.89
N ALA A 197 -4.83 1.87 -10.66
CA ALA A 197 -5.53 0.93 -11.53
C ALA A 197 -7.04 1.12 -11.55
N GLY A 198 -7.60 1.89 -10.61
CA GLY A 198 -9.03 2.14 -10.62
C GLY A 198 -9.52 2.88 -11.85
N VAL A 199 -8.64 3.58 -12.56
CA VAL A 199 -9.08 4.32 -13.75
C VAL A 199 -9.67 3.39 -14.79
N TYR A 200 -9.16 2.15 -14.87
CA TYR A 200 -9.64 1.24 -15.90
C TYR A 200 -11.08 0.82 -15.66
N GLU A 201 -11.53 0.83 -14.40
CA GLU A 201 -12.95 0.59 -14.14
C GLU A 201 -13.79 1.76 -14.64
N VAL A 202 -13.32 2.99 -14.43
CA VAL A 202 -14.05 4.15 -14.93
C VAL A 202 -14.24 4.01 -16.44
N PHE A 203 -13.16 3.70 -17.16
CA PHE A 203 -13.25 3.59 -18.60
C PHE A 203 -14.19 2.46 -19.01
N GLU A 204 -14.17 1.35 -18.28
CA GLU A 204 -15.06 0.24 -18.60
C GLU A 204 -16.52 0.63 -18.38
N LYS A 205 -16.82 1.31 -17.28
CA LYS A 205 -18.20 1.69 -17.01
C LYS A 205 -18.72 2.73 -18.00
N LEU A 206 -17.83 3.56 -18.55
CA LEU A 206 -18.22 4.57 -19.53
C LEU A 206 -18.09 4.08 -20.97
N ASP A 207 -17.80 2.79 -21.19
CA ASP A 207 -17.74 2.21 -22.53
C ASP A 207 -16.66 2.88 -23.39
N LEU A 208 -15.49 3.11 -22.80
CA LEU A 208 -14.37 3.72 -23.47
C LEU A 208 -13.24 2.71 -23.60
N ASP A 209 -12.72 2.56 -24.81
CA ASP A 209 -11.49 1.80 -25.02
C ASP A 209 -10.36 2.49 -24.29
N PRO A 210 -9.72 1.84 -23.30
CA PRO A 210 -8.64 2.52 -22.57
C PRO A 210 -7.52 3.02 -23.46
N GLU A 211 -7.19 2.31 -24.54
CA GLU A 211 -6.13 2.79 -25.42
C GLU A 211 -6.50 4.09 -26.12
N GLU A 212 -7.78 4.47 -26.12
CA GLU A 212 -8.25 5.70 -26.74
CA GLU A 212 -8.23 5.70 -26.74
C GLU A 212 -8.37 6.85 -25.74
N VAL A 213 -8.11 6.59 -24.45
CA VAL A 213 -8.27 7.61 -23.42
C VAL A 213 -6.92 8.22 -23.12
N ASP A 214 -6.86 9.54 -23.12
CA ASP A 214 -5.68 10.30 -22.72
C ASP A 214 -5.89 10.74 -21.28
N TRP A 215 -5.15 10.12 -20.35
CA TRP A 215 -5.45 10.29 -18.94
C TRP A 215 -4.18 10.45 -18.13
N GLN A 216 -4.35 11.05 -16.96
CA GLN A 216 -3.27 11.23 -16.00
C GLN A 216 -3.88 11.26 -14.61
N VAL A 217 -3.08 10.82 -13.63
CA VAL A 217 -3.47 10.82 -12.22
C VAL A 217 -2.29 11.35 -11.43
N ALA A 218 -2.59 12.06 -10.34
CA ALA A 218 -1.55 12.62 -9.48
C ALA A 218 -2.15 12.94 -8.12
N GLY A 219 -1.27 12.95 -7.11
CA GLY A 219 -1.63 13.29 -5.75
C GLY A 219 -0.62 12.77 -4.76
N VAL A 220 -1.10 12.31 -3.60
CA VAL A 220 -0.30 11.54 -2.66
C VAL A 220 -0.85 10.12 -2.62
N ASN A 221 -0.11 9.24 -1.96
CA ASN A 221 -0.55 7.85 -1.83
C ASN A 221 -1.95 7.80 -1.23
N HIS A 222 -2.82 7.02 -1.87
CA HIS A 222 -4.23 6.91 -1.47
C HIS A 222 -4.90 8.28 -1.44
N GLY A 223 -4.39 9.20 -2.26
CA GLY A 223 -4.93 10.54 -2.36
C GLY A 223 -4.66 11.08 -3.74
N ILE A 224 -5.06 10.32 -4.75
CA ILE A 224 -4.72 10.59 -6.14
C ILE A 224 -6.02 10.90 -6.89
N TRP A 225 -5.87 11.70 -7.95
CA TRP A 225 -7.01 12.31 -8.61
C TRP A 225 -6.82 12.21 -10.11
N LEU A 226 -7.93 11.97 -10.81
CA LEU A 226 -7.91 11.87 -12.28
C LEU A 226 -7.88 13.29 -12.81
N ASN A 227 -6.67 13.85 -12.88
CA ASN A 227 -6.54 15.26 -13.22
C ASN A 227 -6.73 15.50 -14.72
N ARG A 228 -6.41 14.51 -15.57
CA ARG A 228 -6.68 14.61 -16.99
C ARG A 228 -7.47 13.40 -17.44
N PHE A 229 -8.54 13.64 -18.18
CA PHE A 229 -9.42 12.58 -18.65
C PHE A 229 -10.02 13.05 -19.97
N ARG A 230 -9.43 12.61 -21.07
CA ARG A 230 -9.77 13.14 -22.39
C ARG A 230 -9.97 11.99 -23.37
N TYR A 231 -10.83 12.26 -24.36
CA TYR A 231 -11.29 11.24 -25.30
C TYR A 231 -11.66 11.93 -26.59
N ARG A 232 -11.13 11.41 -27.71
CA ARG A 232 -11.35 11.99 -29.03
C ARG A 232 -11.16 13.50 -29.02
N GLY A 233 -10.09 13.95 -28.37
CA GLY A 233 -9.72 15.35 -28.42
C GLY A 233 -10.65 16.27 -27.66
N GLU A 234 -11.36 15.76 -26.66
CA GLU A 234 -12.22 16.56 -25.81
C GLU A 234 -12.11 16.07 -24.36
N ASP A 235 -12.41 16.96 -23.43
CA ASP A 235 -12.60 16.57 -22.04
C ASP A 235 -13.64 15.46 -21.98
N ALA A 236 -13.30 14.37 -21.30
CA ALA A 236 -14.21 13.24 -21.17
C ALA A 236 -15.08 13.34 -19.92
N TYR A 237 -14.84 14.30 -19.05
CA TYR A 237 -15.63 14.37 -17.82
C TYR A 237 -17.12 14.56 -18.09
N PRO A 238 -17.56 15.20 -19.17
CA PRO A 238 -19.00 15.20 -19.46
C PRO A 238 -19.57 13.80 -19.58
N LEU A 239 -18.78 12.84 -20.06
CA LEU A 239 -19.27 11.46 -20.12
C LEU A 239 -19.50 10.90 -18.73
N LEU A 240 -18.70 11.33 -17.73
CA LEU A 240 -18.94 10.91 -16.36
C LEU A 240 -20.17 11.59 -15.79
N ASP A 241 -20.37 12.88 -16.11
CA ASP A 241 -21.58 13.57 -15.70
C ASP A 241 -22.82 12.84 -16.20
N GLU A 242 -22.78 12.35 -17.44
CA GLU A 242 -23.92 11.62 -17.98
C GLU A 242 -24.11 10.29 -17.26
N TRP A 243 -23.01 9.60 -16.95
CA TRP A 243 -23.12 8.36 -16.21
C TRP A 243 -23.72 8.59 -14.83
N ILE A 244 -23.31 9.67 -14.17
CA ILE A 244 -23.84 9.99 -12.85
C ILE A 244 -25.35 10.19 -12.91
N GLU A 245 -25.82 10.87 -13.94
CA GLU A 245 -27.24 11.17 -14.04
C GLU A 245 -28.04 9.92 -14.37
N LYS A 246 -27.52 9.08 -15.26
CA LYS A 246 -28.30 8.00 -15.86
C LYS A 246 -28.05 6.64 -15.22
N LYS A 247 -26.84 6.36 -14.72
CA LYS A 247 -26.50 5.02 -14.29
C LYS A 247 -26.10 4.89 -12.83
N LEU A 248 -25.68 5.97 -12.18
CA LEU A 248 -25.34 5.88 -10.76
C LEU A 248 -26.51 5.37 -9.91
N PRO A 249 -27.76 5.75 -10.15
CA PRO A 249 -28.85 5.23 -9.31
C PRO A 249 -28.90 3.71 -9.27
N GLU A 250 -28.45 3.03 -10.33
CA GLU A 250 -28.50 1.58 -10.41
C GLU A 250 -27.19 0.91 -10.02
N TRP A 251 -26.18 1.69 -9.63
CA TRP A 251 -24.88 1.13 -9.29
C TRP A 251 -24.96 0.28 -8.04
N GLU A 252 -24.25 -0.84 -8.05
CA GLU A 252 -24.19 -1.76 -6.91
C GLU A 252 -22.77 -2.31 -6.84
N PRO A 253 -22.18 -2.36 -5.65
CA PRO A 253 -20.82 -2.89 -5.54
C PRO A 253 -20.81 -4.41 -5.68
N LYS A 254 -19.80 -4.91 -6.41
CA LYS A 254 -19.68 -6.35 -6.61
C LYS A 254 -19.17 -7.07 -5.37
N ASN A 255 -18.49 -6.35 -4.49
CA ASN A 255 -17.86 -6.91 -3.29
C ASN A 255 -17.44 -5.74 -2.40
N PRO A 256 -16.99 -6.00 -1.16
CA PRO A 256 -16.68 -4.87 -0.26
C PRO A 256 -15.62 -3.92 -0.78
N TRP A 257 -14.76 -4.34 -1.70
CA TRP A 257 -13.69 -3.51 -2.23
C TRP A 257 -14.14 -2.60 -3.37
N ASP A 258 -15.32 -2.81 -3.91
CA ASP A 258 -15.78 -2.12 -5.11
C ASP A 258 -16.37 -0.78 -4.73
N THR A 259 -15.59 0.29 -4.90
CA THR A 259 -16.03 1.64 -4.55
C THR A 259 -15.78 2.70 -5.62
N GLN A 260 -15.09 2.38 -6.71
CA GLN A 260 -14.61 3.42 -7.61
C GLN A 260 -15.74 4.28 -8.17
N MET A 261 -16.89 3.67 -8.46
CA MET A 261 -18.01 4.39 -9.05
C MET A 261 -19.15 4.61 -8.04
N SER A 262 -18.81 4.60 -6.76
CA SER A 262 -19.79 4.68 -5.70
C SER A 262 -20.37 6.07 -5.55
N PRO A 263 -21.48 6.20 -4.83
CA PRO A 263 -21.98 7.55 -4.50
C PRO A 263 -20.95 8.42 -3.82
N ALA A 264 -20.10 7.84 -2.97
CA ALA A 264 -19.06 8.63 -2.32
C ALA A 264 -18.07 9.20 -3.32
N ALA A 265 -17.60 8.36 -4.27
CA ALA A 265 -16.66 8.83 -5.27
C ALA A 265 -17.25 9.98 -6.08
N MET A 266 -18.52 9.85 -6.46
CA MET A 266 -19.15 10.89 -7.28
C MET A 266 -19.43 12.15 -6.47
N ASP A 267 -19.76 12.00 -5.18
CA ASP A 267 -19.94 13.18 -4.34
C ASP A 267 -18.65 13.96 -4.22
N MET A 268 -17.53 13.23 -4.10
CA MET A 268 -16.22 13.87 -4.02
C MET A 268 -15.86 14.53 -5.35
N TYR A 269 -16.17 13.86 -6.47
CA TYR A 269 -15.93 14.47 -7.78
C TYR A 269 -16.72 15.77 -7.94
N LYS A 270 -17.98 15.78 -7.52
CA LYS A 270 -18.78 17.00 -7.65
C LYS A 270 -18.17 18.16 -6.87
N PHE A 271 -17.61 17.87 -5.69
CA PHE A 271 -17.04 18.94 -4.88
C PHE A 271 -15.66 19.36 -5.36
N TYR A 272 -14.79 18.40 -5.68
CA TYR A 272 -13.40 18.71 -6.01
C TYR A 272 -13.18 19.00 -7.48
N GLY A 273 -14.06 18.54 -8.37
CA GLY A 273 -13.92 18.79 -9.79
C GLY A 273 -13.16 17.72 -10.54
N MET A 274 -12.51 16.80 -9.84
CA MET A 274 -11.82 15.65 -10.41
C MET A 274 -12.19 14.40 -9.62
N LEU A 275 -12.18 13.26 -10.29
CA LEU A 275 -12.57 12.00 -9.67
C LEU A 275 -11.46 11.44 -8.79
N PRO A 276 -11.69 11.18 -7.51
CA PRO A 276 -10.71 10.42 -6.72
C PRO A 276 -10.57 9.00 -7.28
N ILE A 277 -9.34 8.52 -7.30
CA ILE A 277 -9.02 7.22 -7.90
C ILE A 277 -8.60 6.23 -6.82
N GLY A 278 -9.17 5.04 -6.90
CA GLY A 278 -8.71 3.93 -6.07
C GLY A 278 -9.02 4.14 -4.61
N ASP A 279 -8.03 3.85 -3.77
CA ASP A 279 -8.20 3.94 -2.33
C ASP A 279 -8.48 5.36 -1.88
N THR A 280 -8.24 6.36 -2.73
CA THR A 280 -8.64 7.71 -2.42
C THR A 280 -10.13 7.75 -2.08
N VAL A 281 -10.93 6.91 -2.77
CA VAL A 281 -12.36 6.90 -2.54
C VAL A 281 -12.67 6.42 -1.13
N ARG A 282 -11.85 5.52 -0.60
CA ARG A 282 -11.98 5.14 0.81
C ARG A 282 -11.62 6.31 1.73
N ASN A 283 -10.71 7.19 1.28
CA ASN A 283 -10.15 8.24 2.12
C ASN A 283 -10.89 9.57 1.91
N GLY A 284 -12.17 9.54 2.24
CA GLY A 284 -12.97 10.74 2.23
C GLY A 284 -13.01 11.40 3.59
N SER A 285 -13.81 12.45 3.66
CA SER A 285 -14.11 13.09 4.92
C SER A 285 -15.01 12.19 5.76
N TRP A 286 -15.24 12.61 7.00
CA TRP A 286 -16.15 11.89 7.88
C TRP A 286 -17.58 11.87 7.36
N LYS A 287 -17.92 12.74 6.40
CA LYS A 287 -19.25 12.73 5.81
C LYS A 287 -19.70 11.32 5.42
N TYR A 288 -18.78 10.48 4.95
CA TYR A 288 -19.14 9.16 4.41
C TYR A 288 -18.93 8.02 5.40
N HIS A 289 -18.52 8.32 6.64
CA HIS A 289 -17.99 7.29 7.52
C HIS A 289 -18.44 7.39 8.97
N TYR A 290 -19.48 8.17 9.30
CA TYR A 290 -19.86 8.36 10.69
C TYR A 290 -20.16 7.03 11.38
N ASN A 291 -20.78 6.11 10.66
CA ASN A 291 -21.20 4.83 11.21
C ASN A 291 -21.47 3.91 10.04
N LEU A 292 -21.81 2.66 10.34
CA LEU A 292 -21.98 1.66 9.28
C LEU A 292 -23.15 2.02 8.36
N GLU A 293 -24.26 2.50 8.92
CA GLU A 293 -25.39 2.89 8.08
C GLU A 293 -25.00 3.98 7.11
N THR A 294 -24.18 4.93 7.57
CA THR A 294 -23.70 6.00 6.67
C THR A 294 -22.81 5.42 5.58
N LYS A 295 -21.93 4.47 5.94
CA LYS A 295 -21.06 3.87 4.93
C LYS A 295 -21.88 3.13 3.86
N LYS A 296 -22.97 2.49 4.27
CA LYS A 296 -23.79 1.74 3.30
C LYS A 296 -24.53 2.68 2.37
N LYS A 297 -24.92 3.87 2.84
CA LYS A 297 -25.54 4.84 1.95
C LYS A 297 -24.56 5.27 0.86
N TRP A 298 -23.30 5.47 1.21
CA TRP A 298 -22.34 6.09 0.30
C TRP A 298 -21.49 5.10 -0.47
N PHE A 299 -21.38 3.85 0.00
CA PHE A 299 -20.61 2.83 -0.68
C PHE A 299 -21.44 1.63 -1.11
N GLY A 300 -22.73 1.61 -0.81
CA GLY A 300 -23.55 0.45 -1.12
C GLY A 300 -23.54 -0.59 -0.02
N LYS A 301 -24.05 -1.76 -0.37
CA LYS A 301 -24.60 -2.69 0.62
C LYS A 301 -23.56 -3.19 1.62
N PHE A 302 -22.29 -3.26 1.25
CA PHE A 302 -21.31 -3.77 2.21
C PHE A 302 -20.85 -2.70 3.19
N GLY A 303 -21.08 -1.43 2.88
CA GLY A 303 -20.44 -0.37 3.63
C GLY A 303 -18.96 -0.27 3.36
N GLY A 304 -18.51 -0.70 2.19
CA GLY A 304 -17.09 -0.75 1.89
C GLY A 304 -16.38 -1.82 2.70
N ILE A 305 -15.06 -1.72 2.70
CA ILE A 305 -14.23 -2.69 3.40
C ILE A 305 -13.81 -2.18 4.79
N ASP A 306 -13.83 -0.88 5.02
CA ASP A 306 -13.28 -0.31 6.26
C ASP A 306 -14.37 -0.16 7.32
N ASN A 307 -14.92 -1.31 7.75
CA ASN A 307 -15.93 -1.28 8.81
C ASN A 307 -15.83 -2.54 9.65
N GLU A 308 -16.62 -2.54 10.74
CA GLU A 308 -16.54 -3.53 11.80
C GLU A 308 -17.06 -4.90 11.39
N VAL A 309 -17.75 -5.00 10.26
CA VAL A 309 -18.22 -6.28 9.76
C VAL A 309 -17.24 -6.85 8.74
N GLU A 310 -16.91 -6.07 7.71
CA GLU A 310 -16.17 -6.58 6.56
C GLU A 310 -14.68 -6.69 6.82
N ARG A 311 -14.09 -5.81 7.63
CA ARG A 311 -12.65 -5.90 7.82
C ARG A 311 -12.26 -7.12 8.63
N PRO A 312 -12.91 -7.46 9.75
CA PRO A 312 -12.57 -8.72 10.41
C PRO A 312 -12.75 -9.92 9.51
N LYS A 313 -13.78 -9.90 8.67
CA LYS A 313 -13.98 -10.98 7.71
C LYS A 313 -12.78 -11.10 6.78
N PHE A 314 -12.30 -9.98 6.26
CA PHE A 314 -11.16 -10.02 5.34
C PHE A 314 -9.88 -10.46 6.04
N HIS A 315 -9.63 -9.97 7.25
CA HIS A 315 -8.43 -10.37 7.95
C HIS A 315 -8.45 -11.86 8.31
N GLU A 316 -9.64 -12.41 8.57
CA GLU A 316 -9.75 -13.86 8.76
C GLU A 316 -9.46 -14.60 7.47
N GLN A 317 -9.94 -14.08 6.34
CA GLN A 317 -9.62 -14.68 5.04
C GLN A 317 -8.12 -14.73 4.81
N LEU A 318 -7.41 -13.66 5.17
CA LEU A 318 -5.96 -13.67 5.00
C LEU A 318 -5.31 -14.69 5.92
N ARG A 319 -5.79 -14.78 7.17
CA ARG A 319 -5.23 -15.74 8.11
C ARG A 319 -5.39 -17.17 7.60
N ARG A 320 -6.57 -17.49 7.06
CA ARG A 320 -6.78 -18.82 6.50
C ARG A 320 -5.87 -19.06 5.30
N ALA A 321 -5.67 -18.03 4.47
CA ALA A 321 -4.82 -18.19 3.30
C ALA A 321 -3.38 -18.53 3.70
N ARG A 322 -2.83 -17.79 4.66
CA ARG A 322 -1.50 -18.11 5.17
C ARG A 322 -1.43 -19.57 5.61
N GLU A 323 -2.42 -20.01 6.39
CA GLU A 323 -2.42 -21.38 6.89
C GLU A 323 -2.50 -22.39 5.76
N ARG A 324 -3.31 -22.09 4.74
CA ARG A 324 -3.43 -23.02 3.61
C ARG A 324 -2.13 -23.13 2.83
N LEU A 325 -1.40 -22.01 2.68
CA LEU A 325 -0.14 -22.07 1.96
C LEU A 325 0.90 -22.87 2.72
N ILE A 326 0.86 -22.83 4.04
CA ILE A 326 1.79 -23.66 4.81
C ILE A 326 1.47 -25.13 4.59
N LYS A 327 0.19 -25.49 4.58
CA LYS A 327 -0.17 -26.88 4.34
C LYS A 327 0.16 -27.29 2.90
N LEU A 328 -0.05 -26.38 1.95
CA LEU A 328 0.23 -26.69 0.56
C LEU A 328 1.72 -26.99 0.36
N ALA A 329 2.59 -26.23 1.02
CA ALA A 329 4.02 -26.52 0.92
C ALA A 329 4.35 -27.93 1.43
N GLU A 330 3.70 -28.35 2.51
CA GLU A 330 3.91 -29.71 3.01
C GLU A 330 3.39 -30.74 2.01
N GLU A 331 2.27 -30.45 1.35
CA GLU A 331 1.80 -31.36 0.30
C GLU A 331 2.82 -31.45 -0.83
N VAL A 332 3.48 -30.34 -1.14
CA VAL A 332 4.48 -30.34 -2.20
C VAL A 332 5.66 -31.22 -1.83
N GLN A 333 6.07 -31.17 -0.56
CA GLN A 333 7.16 -32.03 -0.12
C GLN A 333 6.75 -33.50 -0.14
N GLN A 334 5.48 -33.80 0.13
CA GLN A 334 5.02 -35.17 0.16
C GLN A 334 4.70 -35.70 -1.24
N ASN A 335 4.29 -34.82 -2.15
CA ASN A 335 3.90 -35.19 -3.50
C ASN A 335 4.65 -34.31 -4.49
N PRO A 336 5.95 -34.56 -4.69
CA PRO A 336 6.74 -33.70 -5.58
C PRO A 336 6.29 -33.74 -7.03
N GLY A 337 5.42 -34.68 -7.40
CA GLY A 337 4.93 -34.75 -8.77
C GLY A 337 3.74 -33.84 -9.06
N MET A 338 3.12 -33.25 -8.04
CA MET A 338 1.98 -32.39 -8.26
C MET A 338 2.41 -31.11 -8.96
N LYS A 339 1.52 -30.59 -9.80
CA LYS A 339 1.77 -29.36 -10.54
C LYS A 339 0.97 -28.24 -9.88
N LEU A 340 1.67 -27.32 -9.23
CA LEU A 340 1.01 -26.19 -8.58
C LEU A 340 0.28 -25.32 -9.59
N THR A 341 0.86 -25.14 -10.78
CA THR A 341 0.22 -24.32 -11.79
C THR A 341 -1.06 -24.94 -12.31
N GLU A 342 -1.22 -26.26 -12.17
CA GLU A 342 -2.43 -26.94 -12.62
C GLU A 342 -3.51 -26.97 -11.53
N GLU A 343 -3.12 -27.34 -10.31
CA GLU A 343 -4.07 -27.53 -9.23
C GLU A 343 -4.41 -26.24 -8.48
N HIS A 344 -3.65 -25.17 -8.67
CA HIS A 344 -3.97 -23.90 -8.01
C HIS A 344 -3.58 -22.75 -8.90
N PRO A 345 -4.14 -22.66 -10.11
CA PRO A 345 -3.77 -21.57 -11.03
C PRO A 345 -4.05 -20.18 -10.48
N GLU A 346 -5.00 -20.05 -9.54
CA GLU A 346 -5.26 -18.74 -8.94
C GLU A 346 -4.06 -18.27 -8.12
N ILE A 347 -3.40 -19.19 -7.43
CA ILE A 347 -2.25 -18.83 -6.62
C ILE A 347 -0.96 -18.82 -7.43
N PHE A 348 -0.87 -19.66 -8.47
CA PHE A 348 0.36 -19.83 -9.25
C PHE A 348 0.06 -19.63 -10.73
N PRO A 349 -0.24 -18.39 -11.14
CA PRO A 349 -0.52 -18.12 -12.56
C PRO A 349 0.67 -18.44 -13.44
N LYS A 350 0.38 -18.69 -14.71
CA LYS A 350 1.39 -19.02 -15.71
C LYS A 350 1.09 -18.23 -16.97
N GLY A 351 2.15 -17.70 -17.59
CA GLY A 351 1.99 -16.89 -18.77
C GLY A 351 1.75 -15.43 -18.44
N LYS A 352 0.61 -15.13 -17.84
CA LYS A 352 0.24 -13.75 -17.55
C LYS A 352 1.08 -13.18 -16.40
N LEU A 353 1.50 -11.93 -16.56
CA LEU A 353 2.09 -11.19 -15.45
C LEU A 353 0.99 -10.67 -14.53
N SER A 354 1.38 -10.24 -13.33
CA SER A 354 0.40 -9.85 -12.33
C SER A 354 -0.14 -8.45 -12.54
N GLY A 355 0.56 -7.62 -13.31
CA GLY A 355 0.16 -6.24 -13.51
C GLY A 355 0.66 -5.27 -12.46
N GLU A 356 1.23 -5.76 -11.35
CA GLU A 356 1.82 -4.88 -10.36
C GLU A 356 3.08 -4.22 -10.93
N GLN A 357 3.56 -3.20 -10.21
CA GLN A 357 4.58 -2.30 -10.72
C GLN A 357 6.00 -2.68 -10.32
N HIS A 358 6.17 -3.60 -9.38
CA HIS A 358 7.49 -3.84 -8.80
C HIS A 358 8.49 -4.38 -9.81
N ILE A 359 8.11 -5.41 -10.55
CA ILE A 359 9.06 -6.05 -11.45
C ILE A 359 9.26 -5.21 -12.70
N PRO A 360 8.22 -4.56 -13.25
CA PRO A 360 8.46 -3.58 -14.32
C PRO A 360 9.46 -2.51 -13.92
N PHE A 361 9.38 -2.03 -12.68
CA PHE A 361 10.36 -1.07 -12.19
C PHE A 361 11.77 -1.65 -12.20
N ILE A 362 11.92 -2.86 -11.65
CA ILE A 362 13.24 -3.50 -11.64
C ILE A 362 13.77 -3.67 -13.05
N ASN A 363 12.91 -4.14 -13.97
CA ASN A 363 13.36 -4.36 -15.33
C ASN A 363 13.70 -3.03 -16.02
N ALA A 364 13.03 -1.95 -15.63
CA ALA A 364 13.37 -0.64 -16.18
C ALA A 364 14.77 -0.22 -15.73
N ILE A 365 15.03 -0.28 -14.42
CA ILE A 365 16.33 0.11 -13.90
C ILE A 365 17.42 -0.81 -14.45
N ALA A 366 17.23 -2.13 -14.31
CA ALA A 366 18.31 -3.06 -14.60
C ALA A 366 18.50 -3.32 -16.09
N ASN A 367 17.42 -3.27 -16.88
CA ASN A 367 17.49 -3.71 -18.27
C ASN A 367 16.98 -2.66 -19.25
N ASN A 368 16.69 -1.45 -18.79
CA ASN A 368 16.35 -0.33 -19.65
C ASN A 368 15.05 -0.56 -20.43
N LYS A 369 14.16 -1.40 -19.89
CA LYS A 369 12.82 -1.58 -20.45
C LYS A 369 11.97 -0.44 -19.92
N ARG A 370 12.02 0.70 -20.63
CA ARG A 370 11.38 1.92 -20.18
C ARG A 370 9.87 1.73 -20.03
N VAL A 371 9.30 2.29 -18.97
CA VAL A 371 7.89 2.09 -18.65
C VAL A 371 7.38 3.26 -17.83
N ARG A 372 6.09 3.57 -18.03
CA ARG A 372 5.39 4.58 -17.24
C ARG A 372 4.82 3.92 -15.98
N LEU A 373 5.16 4.48 -14.82
CA LEU A 373 4.69 3.95 -13.54
C LEU A 373 4.16 5.10 -12.69
N PHE A 374 3.45 4.74 -11.62
CA PHE A 374 2.93 5.70 -10.65
C PHE A 374 3.55 5.39 -9.30
N LEU A 375 4.50 6.23 -8.89
CA LEU A 375 5.39 5.92 -7.79
C LEU A 375 5.43 7.07 -6.79
N ASN A 376 5.79 6.75 -5.56
CA ASN A 376 5.90 7.73 -4.49
C ASN A 376 7.34 8.24 -4.42
N VAL A 377 7.53 9.46 -4.92
CA VAL A 377 8.84 10.10 -5.04
C VAL A 377 8.69 11.57 -4.65
N GLU A 378 9.82 12.20 -4.32
CA GLU A 378 9.78 13.60 -3.92
C GLU A 378 9.18 14.46 -5.02
N ASN A 379 8.38 15.44 -4.61
CA ASN A 379 7.66 16.31 -5.54
C ASN A 379 8.62 17.01 -6.51
N GLN A 380 9.63 17.69 -5.98
CA GLN A 380 10.62 18.38 -6.80
C GLN A 380 9.97 19.28 -7.84
N GLY A 381 8.94 20.01 -7.42
CA GLY A 381 8.35 21.04 -8.25
C GLY A 381 7.25 20.58 -9.18
N THR A 382 6.98 19.27 -9.25
CA THR A 382 5.95 18.76 -10.14
C THR A 382 4.59 19.39 -9.84
N LEU A 383 4.24 19.45 -8.56
CA LEU A 383 3.06 20.18 -8.08
C LEU A 383 3.60 21.43 -7.37
N LYS A 384 3.62 22.56 -8.08
CA LYS A 384 4.45 23.69 -7.69
C LYS A 384 4.02 24.34 -6.38
N ASP A 385 2.77 24.17 -5.96
CA ASP A 385 2.30 24.77 -4.72
C ASP A 385 2.68 23.98 -3.48
N PHE A 386 3.44 22.90 -3.63
CA PHE A 386 3.81 22.04 -2.51
C PHE A 386 5.32 21.98 -2.39
N PRO A 387 5.84 21.65 -1.19
CA PRO A 387 7.29 21.65 -1.01
C PRO A 387 7.98 20.65 -1.93
N ASP A 388 9.24 20.96 -2.27
CA ASP A 388 10.01 20.09 -3.15
C ASP A 388 10.18 18.69 -2.57
N ASP A 389 10.35 18.59 -1.26
CA ASP A 389 10.75 17.32 -0.64
C ASP A 389 9.57 16.46 -0.22
N VAL A 390 8.34 16.92 -0.40
CA VAL A 390 7.18 16.12 0.00
C VAL A 390 6.94 15.01 -1.01
N VAL A 391 6.82 13.79 -0.49
CA VAL A 391 6.66 12.60 -1.31
C VAL A 391 5.23 12.57 -1.85
N MET A 392 5.12 12.52 -3.18
CA MET A 392 3.87 12.47 -3.90
C MET A 392 3.80 11.19 -4.71
N GLU A 393 2.59 10.78 -5.04
CA GLU A 393 2.36 9.67 -5.96
C GLU A 393 2.18 10.25 -7.34
N LEU A 394 3.15 10.03 -8.22
CA LEU A 394 3.27 10.79 -9.45
C LEU A 394 3.47 9.86 -10.64
N PRO A 395 2.96 10.25 -11.81
CA PRO A 395 3.32 9.53 -13.04
C PRO A 395 4.77 9.81 -13.40
N VAL A 396 5.54 8.74 -13.56
CA VAL A 396 6.95 8.84 -13.88
C VAL A 396 7.27 7.84 -14.98
N TRP A 397 8.32 8.14 -15.75
CA TRP A 397 8.92 7.18 -16.67
C TRP A 397 10.22 6.71 -16.06
N VAL A 398 10.41 5.40 -16.02
CA VAL A 398 11.59 4.77 -15.42
C VAL A 398 12.37 4.07 -16.53
N ASP A 399 13.69 4.22 -16.50
CA ASP A 399 14.55 3.54 -17.44
C ASP A 399 15.88 3.24 -16.75
N CYS A 400 16.88 2.84 -17.53
CA CYS A 400 18.18 2.49 -16.98
C CYS A 400 18.67 3.53 -16.00
N CYS A 401 18.37 4.79 -16.27
CA CYS A 401 19.23 5.87 -15.82
C CYS A 401 18.42 7.01 -15.20
N GLY A 402 17.32 6.70 -14.56
CA GLY A 402 16.64 7.68 -13.73
C GLY A 402 15.15 7.45 -13.66
N ILE A 403 14.52 8.25 -12.80
CA ILE A 403 13.07 8.34 -12.67
C ILE A 403 12.68 9.77 -13.07
N HIS A 404 11.84 9.89 -14.10
CA HIS A 404 11.59 11.16 -14.76
C HIS A 404 10.12 11.51 -14.62
N ARG A 405 9.84 12.57 -13.88
CA ARG A 405 8.46 12.92 -13.59
C ARG A 405 7.78 13.53 -14.81
N GLU A 406 6.55 13.09 -15.06
CA GLU A 406 5.73 13.74 -16.08
C GLU A 406 5.27 15.11 -15.59
N LYS A 407 5.11 16.03 -16.52
CA LYS A 407 4.42 17.27 -16.19
C LYS A 407 2.96 16.94 -15.90
N VAL A 408 2.47 17.43 -14.77
CA VAL A 408 1.08 17.19 -14.36
C VAL A 408 0.24 18.31 -14.95
N GLU A 409 -0.63 17.96 -15.90
CA GLU A 409 -1.42 18.91 -16.65
C GLU A 409 -2.74 18.25 -17.01
N PRO A 410 -3.89 18.86 -16.69
CA PRO A 410 -4.03 20.10 -15.91
C PRO A 410 -3.62 19.92 -14.46
N ASP A 411 -3.32 21.03 -13.81
CA ASP A 411 -2.97 21.02 -12.40
C ASP A 411 -4.16 20.56 -11.58
N LEU A 412 -3.87 20.01 -10.40
CA LEU A 412 -4.94 19.66 -9.48
C LEU A 412 -5.74 20.92 -9.14
N THR A 413 -7.02 20.75 -8.84
CA THR A 413 -7.87 21.91 -8.63
C THR A 413 -7.52 22.59 -7.30
N HIS A 414 -7.92 23.86 -7.21
CA HIS A 414 -7.75 24.62 -5.98
C HIS A 414 -8.35 23.89 -4.78
N ARG A 415 -9.56 23.34 -4.95
CA ARG A 415 -10.21 22.69 -3.81
C ARG A 415 -9.48 21.43 -3.39
N ILE A 416 -8.94 20.68 -4.34
CA ILE A 416 -8.16 19.49 -3.97
C ILE A 416 -6.95 19.91 -3.15
N LYS A 417 -6.31 21.02 -3.53
CA LYS A 417 -5.11 21.46 -2.83
C LYS A 417 -5.42 21.88 -1.40
N ILE A 418 -6.42 22.76 -1.21
CA ILE A 418 -6.63 23.34 0.10
C ILE A 418 -7.49 22.46 1.01
N PHE A 419 -8.40 21.66 0.46
CA PHE A 419 -9.28 20.84 1.28
C PHE A 419 -8.81 19.39 1.43
N TYR A 420 -7.95 18.90 0.53
CA TYR A 420 -7.60 17.49 0.55
C TYR A 420 -6.09 17.27 0.67
N LEU A 421 -5.31 17.70 -0.32
CA LEU A 421 -3.88 17.37 -0.30
C LEU A 421 -3.18 18.01 0.90
N TRP A 422 -3.37 19.32 1.11
CA TRP A 422 -2.68 19.97 2.24
C TRP A 422 -3.06 19.36 3.58
N PRO A 423 -4.34 19.17 3.92
CA PRO A 423 -4.65 18.49 5.19
C PRO A 423 -4.02 17.12 5.31
N ARG A 424 -3.98 16.34 4.24
CA ARG A 424 -3.38 15.01 4.34
C ARG A 424 -1.88 15.09 4.50
N ILE A 425 -1.25 16.04 3.82
CA ILE A 425 0.19 16.27 3.96
C ILE A 425 0.51 16.73 5.38
N LEU A 426 -0.33 17.59 5.94
CA LEU A 426 -0.12 18.01 7.33
C LEU A 426 -0.21 16.81 8.27
N ARG A 427 -1.17 15.91 8.03
CA ARG A 427 -1.29 14.72 8.86
C ARG A 427 -0.01 13.86 8.79
N MET A 428 0.54 13.71 7.60
CA MET A 428 1.83 13.02 7.47
C MET A 428 2.89 13.69 8.33
N GLU A 429 2.95 15.04 8.30
CA GLU A 429 3.93 15.74 9.13
C GLU A 429 3.65 15.55 10.62
N TRP A 430 2.37 15.56 11.00
CA TRP A 430 2.03 15.27 12.40
C TRP A 430 2.54 13.88 12.79
N ASN A 431 2.27 12.89 11.93
CA ASN A 431 2.65 11.51 12.25
C ASN A 431 4.16 11.35 12.31
N LEU A 432 4.90 11.99 11.39
CA LEU A 432 6.35 11.93 11.46
C LEU A 432 6.88 12.61 12.72
N GLU A 433 6.32 13.78 13.06
CA GLU A 433 6.74 14.46 14.29
C GLU A 433 6.46 13.60 15.51
N ALA A 434 5.30 12.92 15.52
CA ALA A 434 4.97 12.03 16.64
C ALA A 434 6.00 10.92 16.78
N TYR A 435 6.53 10.43 15.65
CA TYR A 435 7.52 9.37 15.70
C TYR A 435 8.87 9.90 16.15
N ILE A 436 9.38 10.93 15.47
CA ILE A 436 10.77 11.32 15.74
C ILE A 436 10.91 11.99 17.09
N SER A 437 9.84 12.65 17.58
CA SER A 437 9.90 13.34 18.87
C SER A 437 9.86 12.40 20.06
N ARG A 438 9.34 11.17 19.89
CA ARG A 438 9.10 10.25 21.00
C ARG A 438 8.21 10.89 22.07
N ASP A 439 7.35 11.83 21.66
CA ASP A 439 6.62 12.69 22.59
C ASP A 439 5.13 12.37 22.49
N ARG A 440 4.60 11.75 23.55
CA ARG A 440 3.18 11.40 23.58
C ARG A 440 2.28 12.61 23.39
N LYS A 441 2.75 13.81 23.75
CA LYS A 441 1.93 15.00 23.57
C LYS A 441 1.61 15.26 22.11
N VAL A 442 2.45 14.78 21.19
CA VAL A 442 2.13 14.97 19.77
C VAL A 442 1.00 14.03 19.36
N LEU A 443 1.02 12.79 19.83
CA LEU A 443 -0.10 11.89 19.62
C LEU A 443 -1.38 12.50 20.17
N GLU A 444 -1.30 13.12 21.35
CA GLU A 444 -2.47 13.77 21.93
C GLU A 444 -2.97 14.89 21.04
N GLU A 445 -2.05 15.69 20.49
CA GLU A 445 -2.47 16.80 19.66
C GLU A 445 -3.19 16.31 18.40
N ILE A 446 -2.71 15.22 17.80
CA ILE A 446 -3.40 14.64 16.65
C ILE A 446 -4.84 14.30 17.02
N LEU A 447 -5.04 13.68 18.19
CA LEU A 447 -6.40 13.35 18.60
C LEU A 447 -7.18 14.58 19.04
N ILE A 448 -6.51 15.65 19.46
CA ILE A 448 -7.21 16.89 19.76
C ILE A 448 -7.81 17.51 18.50
N ARG A 449 -7.30 17.18 17.31
CA ARG A 449 -7.86 17.62 16.04
C ARG A 449 -8.85 16.60 15.45
N ASP A 450 -9.10 15.51 16.18
CA ASP A 450 -9.98 14.42 15.76
C ASP A 450 -11.42 14.74 16.10
N PRO A 451 -12.34 14.71 15.13
CA PRO A 451 -13.74 15.08 15.44
C PRO A 451 -14.39 14.21 16.50
N ARG A 452 -13.90 12.98 16.69
CA ARG A 452 -14.53 12.06 17.62
C ARG A 452 -14.16 12.33 19.06
N THR A 453 -13.15 13.17 19.30
CA THR A 453 -12.75 13.49 20.66
C THR A 453 -13.80 14.36 21.33
N LYS A 454 -14.24 13.95 22.51
CA LYS A 454 -15.16 14.73 23.32
C LYS A 454 -14.45 15.47 24.46
N SER A 455 -13.29 15.00 24.89
CA SER A 455 -12.60 15.58 26.03
C SER A 455 -11.12 15.20 25.97
N TYR A 456 -10.31 15.98 26.68
CA TYR A 456 -8.89 15.66 26.78
C TYR A 456 -8.68 14.38 27.57
N GLU A 457 -9.48 14.18 28.62
CA GLU A 457 -9.35 12.99 29.45
C GLU A 457 -9.57 11.73 28.65
N GLN A 458 -10.53 11.77 27.72
CA GLN A 458 -10.74 10.64 26.82
C GLN A 458 -9.49 10.30 26.02
N ILE A 459 -8.79 11.33 25.51
CA ILE A 459 -7.59 11.09 24.74
C ILE A 459 -6.55 10.36 25.58
N VAL A 460 -6.30 10.88 26.78
CA VAL A 460 -5.31 10.26 27.67
C VAL A 460 -5.66 8.81 27.93
N GLN A 461 -6.94 8.53 28.20
CA GLN A 461 -7.36 7.19 28.58
C GLN A 461 -7.23 6.20 27.43
N VAL A 462 -7.51 6.62 26.19
CA VAL A 462 -7.46 5.68 25.07
C VAL A 462 -6.02 5.37 24.71
N LEU A 463 -5.14 6.38 24.71
CA LEU A 463 -3.72 6.13 24.50
C LEU A 463 -3.14 5.28 25.63
N ASP A 464 -3.54 5.55 26.88
CA ASP A 464 -3.07 4.72 28.00
C ASP A 464 -3.37 3.24 27.76
N GLU A 465 -4.64 2.92 27.43
CA GLU A 465 -4.99 1.52 27.27
C GLU A 465 -4.28 0.91 26.06
N ILE A 466 -4.14 1.66 24.97
CA ILE A 466 -3.40 1.17 23.81
C ILE A 466 -1.95 0.89 24.21
N PHE A 467 -1.31 1.85 24.89
CA PHE A 467 0.09 1.69 25.24
C PHE A 467 0.31 0.53 26.21
N ASN A 468 -0.70 0.20 27.01
CA ASN A 468 -0.59 -0.83 28.03
C ASN A 468 -0.90 -2.22 27.50
N LEU A 469 -1.30 -2.35 26.23
CA LEU A 469 -1.44 -3.67 25.65
C LEU A 469 -0.09 -4.40 25.71
N PRO A 470 -0.07 -5.69 26.06
CA PRO A 470 1.21 -6.36 26.26
C PRO A 470 2.14 -6.29 25.08
N PHE A 471 1.59 -6.40 23.87
CA PHE A 471 2.41 -6.41 22.67
C PHE A 471 2.89 -5.03 22.27
N ASN A 472 2.55 -3.99 23.04
CA ASN A 472 3.06 -2.64 22.82
C ASN A 472 4.13 -2.25 23.84
N GLU A 473 4.80 -3.23 24.45
CA GLU A 473 5.87 -2.93 25.40
C GLU A 473 6.94 -2.04 24.77
N GLU A 474 7.40 -2.41 23.57
CA GLU A 474 8.46 -1.63 22.92
C GLU A 474 7.98 -0.22 22.60
N LEU A 475 6.74 -0.10 22.10
CA LEU A 475 6.17 1.22 21.82
C LEU A 475 6.07 2.06 23.08
N ARG A 476 5.62 1.44 24.17
CA ARG A 476 5.47 2.14 25.44
C ARG A 476 6.81 2.67 25.93
N ARG A 477 7.86 1.86 25.86
CA ARG A 477 9.19 2.31 26.26
C ARG A 477 9.73 3.39 25.34
N TYR A 478 9.42 3.31 24.05
CA TYR A 478 9.88 4.34 23.11
C TYR A 478 9.36 5.71 23.51
N TYR A 479 8.11 5.79 23.94
CA TYR A 479 7.48 7.05 24.31
C TYR A 479 7.64 7.40 25.79
N LYS A 480 8.24 6.53 26.60
CA LYS A 480 8.38 6.81 28.03
C LYS A 480 9.29 8.02 28.23
PA NAI B . 1.65 -10.49 6.03
O1A NAI B . 1.47 -10.55 7.53
O2A NAI B . 0.90 -11.56 5.28
O5B NAI B . 3.24 -10.56 5.63
C5B NAI B . 4.13 -9.76 6.34
C4B NAI B . 5.44 -10.57 6.44
O4B NAI B . 6.37 -9.81 6.94
C3B NAI B . 5.19 -11.75 7.43
O3B NAI B . 5.56 -12.94 6.86
C2B NAI B . 6.06 -11.34 8.63
O2B NAI B . 6.50 -12.57 9.36
C1B NAI B . 7.07 -10.71 8.10
N9A NAI B . 7.80 -9.86 9.00
C8A NAI B . 7.38 -9.23 10.10
N7A NAI B . 8.41 -8.54 10.62
C5A NAI B . 9.47 -8.76 9.82
C6A NAI B . 10.76 -8.30 9.88
N6A NAI B . 11.45 -7.44 10.82
N1A NAI B . 11.64 -8.66 8.95
C2A NAI B . 11.26 -9.47 7.95
N3A NAI B . 9.99 -9.92 7.89
C4A NAI B . 9.09 -9.55 8.82
O3 NAI B . 1.09 -9.03 5.57
PN NAI B . 0.47 -8.61 4.12
O1N NAI B . -1.04 -8.70 4.19
O2N NAI B . 0.99 -9.43 2.98
O5D NAI B . 0.97 -7.04 3.93
C5D NAI B . 2.30 -6.71 4.21
C4D NAI B . 2.51 -5.16 4.21
O4D NAI B . 2.20 -4.66 3.03
C3D NAI B . 1.56 -4.48 5.21
O3D NAI B . 2.09 -3.33 5.72
C2D NAI B . 0.34 -4.14 4.33
O2D NAI B . -0.48 -3.08 5.00
C1D NAI B . 0.93 -3.68 3.25
N1N NAI B . 0.13 -3.64 2.06
C2N NAI B . 0.35 -2.55 1.13
C3N NAI B . -0.15 -2.64 -0.30
C7N NAI B . 0.54 -1.79 -1.36
O7N NAI B . 0.23 -1.91 -2.50
N7N NAI B . 1.56 -0.83 -0.97
C4N NAI B . -1.14 -3.72 -0.73
C5N NAI B . -1.54 -4.69 0.38
C6N NAI B . -0.86 -4.65 1.75
H51A NAI B . 4.28 -8.95 5.89
H52A NAI B . 3.79 -9.57 7.20
H4B NAI B . 5.74 -10.91 5.62
H3B NAI B . 4.29 -11.83 7.68
HO3A NAI B . 4.96 -13.21 6.35
H2B NAI B . 5.60 -10.79 9.23
HO2A NAI B . 7.08 -12.36 9.92
H1B NAI B . 7.68 -11.35 7.77
H8A NAI B . 6.70 -9.39 10.71
H61A NAI B . 11.55 -6.59 10.63
H62A NAI B . 11.75 -7.76 11.56
H2A NAI B . 11.84 -9.75 7.26
H51N NAI B . 2.85 -7.09 3.56
H52N NAI B . 2.53 -7.05 5.06
H4D NAI B . 3.40 -4.94 4.42
H3D NAI B . 1.34 -5.06 5.92
HO3N NAI B . 2.21 -3.43 6.53
H2D NAI B . -0.22 -4.86 4.14
HO2N NAI B . -1.12 -3.43 5.39
H1D NAI B . 1.19 -2.79 3.45
H2N NAI B . 0.79 -1.79 1.42
H71N NAI B . 1.95 -0.34 -1.56
H72N NAI B . 1.78 -0.74 -0.13
H4N NAI B . -0.74 -4.22 -1.42
H42N NAI B . -1.90 -3.31 -1.06
H5N NAI B . -2.22 -5.32 0.22
H6N NAI B . -1.09 -5.29 2.40
C1 BDP C . -5.06 -1.57 -0.74
C2 BDP C . -4.11 -0.50 -0.23
C3 BDP C . -3.27 -1.00 0.88
C4 BDP C . -4.06 -1.62 1.98
C5 BDP C . -5.02 -2.68 1.42
C6 BDP C . -5.92 -3.13 2.52
O2 BDP C . -3.26 -0.09 -1.31
O3 BDP C . -2.54 0.11 1.44
O4 BDP C . -3.18 -2.23 2.91
O5 BDP C . -5.89 -2.14 0.37
O6A BDP C . -5.53 -4.02 3.33
O1 BDP C . -5.89 -1.04 -1.67
O6B BDP C . -7.06 -2.61 2.63
H1 BDP C . -4.55 -2.28 -1.16
H2 BDP C . -4.64 0.25 0.08
H3 BDP C . -2.64 -1.65 0.52
H4 BDP C . -4.58 -0.95 2.43
H5 BDP C . -4.49 -3.42 1.08
HO2 BDP C . -3.72 0.33 -1.88
HO3 BDP C . -1.92 0.35 0.89
HO4 BDP C . -3.18 -1.79 3.64
HO1 BDP C . -6.14 -1.65 -2.22
C1 IPA D . -15.95 21.10 20.98
C2 IPA D . -15.61 19.61 20.93
C3 IPA D . -16.86 18.74 20.84
O2 IPA D . -14.74 19.37 19.84
H11 IPA D . -15.50 21.61 20.13
H12 IPA D . -15.57 21.53 21.91
H13 IPA D . -17.03 21.22 20.94
H2 IPA D . -15.11 19.34 21.86
H31 IPA D . -16.92 18.31 19.84
H32 IPA D . -17.74 19.36 21.02
H33 IPA D . -16.81 17.94 21.57
HO2 IPA D . -13.88 19.04 20.18
#